data_6OC1
#
_entry.id   6OC1
#
_cell.length_a   113.668
_cell.length_b   113.668
_cell.length_c   113.668
_cell.angle_alpha   90.00
_cell.angle_beta   90.00
_cell.angle_gamma   90.00
#
_symmetry.space_group_name_H-M   'P 21 3'
#
loop_
_entity.id
_entity.type
_entity.pdbx_description
1 polymer 'Dihydroorotate dehydrogenase (quinone), mitochondrial'
2 non-polymer 'OROTIC ACID'
3 non-polymer 'FLAVIN MONONUCLEOTIDE'
4 non-polymer 'PHOSPHATE ION'
5 non-polymer N-{7-cyano-6-[4-fluoro-3-({[3-(trifluoromethyl)phenyl]acetyl}amino)phenoxy]-1,3-benzothiazol-2-yl}cyclopropanecarboxamide
6 water water
#
_entity_poly.entity_id   1
_entity_poly.type   'polypeptide(L)'
_entity_poly.pdbx_seq_one_letter_code
;HMMATGDERFYAEHLMPTLQGLLDPESAHRLAVRFTSLGLLPRARFQDSDMLEVRVLGHKFRNPVGIAAGFDKHGEAVDG
LYKMGFGFVEIGSVTPKPQEGNPRPRVFRLPEDQAVINRYGFNSHGLSVVEHRLRARQQKQAKLTEDGLPLGVNLGKNKT
SVDAAEDYAEGVRVLGPLADYLVVNVSSPNTAGLRSLQGKAELRRLLTKVLQERDGLRRVHRPAVLVKIAPDLTSQDKED
IASVVKELGIDGLIVTNTTVSRPAGLQGALRSETGGLSGKPLRDLSTQTIREMYALTQGRVPIIGVGGVSSGQDALEKIR
AGASLVQLYTALTFWGPPVVGKVKRELEALLKEQGFGGVTDAIGADHRR
;
_entity_poly.pdbx_strand_id   A
#
loop_
_chem_comp.id
_chem_comp.type
_chem_comp.name
_chem_comp.formula
1SU non-polymer N-{7-cyano-6-[4-fluoro-3-({[3-(trifluoromethyl)phenyl]acetyl}amino)phenoxy]-1,3-benzothiazol-2-yl}cyclopropanecarboxamide 'C27 H18 F4 N4 O3 S'
FMN non-polymer 'FLAVIN MONONUCLEOTIDE' 'C17 H21 N4 O9 P'
ORO non-polymer 'OROTIC ACID' 'C5 H4 N2 O4'
PO4 non-polymer 'PHOSPHATE ION' 'O4 P -3'
#
# COMPACT_ATOMS: atom_id res chain seq x y z
N THR A 5 8.34 19.05 -13.90
CA THR A 5 8.08 18.03 -14.96
C THR A 5 9.38 17.74 -15.73
N GLY A 6 10.34 18.68 -15.71
CA GLY A 6 11.64 18.54 -16.40
C GLY A 6 12.36 17.26 -16.01
N ASP A 7 12.60 17.09 -14.70
CA ASP A 7 13.22 15.88 -14.10
C ASP A 7 12.27 14.69 -14.25
N GLU A 8 10.96 14.94 -14.10
CA GLU A 8 9.89 13.91 -14.21
C GLU A 8 9.85 13.36 -15.63
N ARG A 9 9.82 14.26 -16.63
CA ARG A 9 9.79 13.92 -18.08
C ARG A 9 11.01 13.07 -18.43
N PHE A 10 12.18 13.42 -17.90
CA PHE A 10 13.50 12.79 -18.22
C PHE A 10 13.54 11.35 -17.70
N TYR A 11 12.97 11.09 -16.53
CA TYR A 11 12.87 9.73 -15.94
C TYR A 11 11.88 8.90 -16.78
N ALA A 12 10.75 9.51 -17.14
CA ALA A 12 9.64 8.87 -17.88
C ALA A 12 10.06 8.55 -19.31
N GLU A 13 10.75 9.47 -19.99
CA GLU A 13 11.11 9.36 -21.42
C GLU A 13 12.39 8.52 -21.58
N HIS A 14 13.39 8.72 -20.71
CA HIS A 14 14.76 8.17 -20.89
C HIS A 14 15.13 7.22 -19.75
N LEU A 15 15.51 7.75 -18.60
CA LEU A 15 16.26 7.02 -17.53
C LEU A 15 15.58 5.68 -17.21
N MET A 16 14.23 5.64 -17.22
CA MET A 16 13.44 4.44 -16.82
C MET A 16 13.28 3.49 -18.00
N PRO A 17 12.77 3.94 -19.18
CA PRO A 17 12.75 3.12 -20.38
C PRO A 17 14.07 2.36 -20.64
N THR A 18 15.22 3.02 -20.43
CA THR A 18 16.56 2.44 -20.68
C THR A 18 16.91 1.45 -19.56
N LEU A 19 16.38 1.67 -18.35
CA LEU A 19 16.54 0.75 -17.19
C LEU A 19 15.64 -0.48 -17.38
N GLN A 20 14.32 -0.28 -17.37
CA GLN A 20 13.32 -1.36 -17.54
C GLN A 20 13.58 -2.04 -18.89
N GLY A 21 14.06 -1.29 -19.88
CA GLY A 21 14.55 -1.82 -21.16
C GLY A 21 15.74 -2.76 -20.95
N LEU A 22 16.67 -2.36 -20.07
CA LEU A 22 17.96 -3.07 -19.84
C LEU A 22 17.69 -4.40 -19.13
N LEU A 23 16.99 -4.35 -17.99
CA LEU A 23 16.83 -5.48 -17.05
C LEU A 23 15.42 -6.07 -17.14
N ASP A 24 15.26 -7.33 -16.69
CA ASP A 24 13.95 -7.98 -16.44
C ASP A 24 13.23 -7.21 -15.33
N PRO A 25 11.88 -7.27 -15.29
CA PRO A 25 11.09 -6.41 -14.39
C PRO A 25 11.49 -6.59 -12.91
N GLU A 26 11.78 -7.82 -12.50
CA GLU A 26 12.14 -8.17 -11.10
C GLU A 26 13.49 -7.53 -10.75
N SER A 27 14.55 -7.89 -11.48
CA SER A 27 15.92 -7.35 -11.29
C SER A 27 15.85 -5.82 -11.15
N ALA A 28 15.00 -5.18 -11.97
CA ALA A 28 14.72 -3.72 -11.93
C ALA A 28 14.22 -3.32 -10.53
N HIS A 29 13.19 -4.01 -10.04
CA HIS A 29 12.56 -3.77 -8.70
C HIS A 29 13.60 -4.00 -7.60
N ARG A 30 14.37 -5.09 -7.71
CA ARG A 30 15.43 -5.47 -6.74
C ARG A 30 16.45 -4.35 -6.63
N LEU A 31 16.83 -3.76 -7.78
CA LEU A 31 17.83 -2.68 -7.91
C LEU A 31 17.27 -1.40 -7.27
N ALA A 32 16.04 -1.04 -7.63
CA ALA A 32 15.30 0.14 -7.11
C ALA A 32 15.33 0.12 -5.58
N VAL A 33 15.06 -1.03 -4.97
CA VAL A 33 15.07 -1.24 -3.48
C VAL A 33 16.49 -0.97 -2.97
N ARG A 34 17.47 -1.65 -3.57
CA ARG A 34 18.88 -1.67 -3.08
C ARG A 34 19.45 -0.24 -3.21
N PHE A 35 19.17 0.43 -4.32
CA PHE A 35 19.59 1.82 -4.61
C PHE A 35 18.97 2.75 -3.57
N THR A 36 17.77 2.42 -3.10
CA THR A 36 16.99 3.23 -2.12
C THR A 36 17.55 3.01 -0.71
N SER A 37 17.98 1.79 -0.37
CA SER A 37 18.64 1.47 0.92
C SER A 37 20.00 2.15 0.98
N LEU A 38 20.76 2.06 -0.13
CA LEU A 38 22.14 2.62 -0.27
C LEU A 38 22.09 4.15 -0.29
N GLY A 39 20.93 4.72 -0.63
CA GLY A 39 20.69 6.17 -0.65
C GLY A 39 21.12 6.80 -1.96
N LEU A 40 21.40 5.99 -2.98
CA LEU A 40 21.79 6.44 -4.35
C LEU A 40 20.53 6.97 -5.06
N LEU A 41 19.89 8.00 -4.50
CA LEU A 41 18.63 8.58 -5.03
C LEU A 41 18.67 10.09 -4.93
N PRO A 42 17.97 10.83 -5.83
CA PRO A 42 17.97 12.29 -5.82
C PRO A 42 17.21 12.82 -4.60
N ARG A 43 17.56 14.03 -4.16
CA ARG A 43 16.87 14.73 -3.04
C ARG A 43 15.66 15.48 -3.60
N ALA A 44 14.45 15.14 -3.16
CA ALA A 44 13.19 15.85 -3.50
C ALA A 44 13.23 17.23 -2.84
N ARG A 45 13.30 18.30 -3.65
CA ARG A 45 13.36 19.71 -3.16
C ARG A 45 11.94 20.27 -3.07
N PHE A 46 11.05 19.53 -2.40
CA PHE A 46 9.62 19.88 -2.19
C PHE A 46 9.31 19.79 -0.69
N GLN A 47 9.29 20.92 0.01
CA GLN A 47 8.75 21.00 1.40
C GLN A 47 7.22 21.03 1.33
N ASP A 48 6.57 20.02 1.91
CA ASP A 48 5.10 19.86 1.92
C ASP A 48 4.46 21.12 2.52
N SER A 49 3.54 21.74 1.80
CA SER A 49 2.71 22.88 2.29
C SER A 49 1.77 22.36 3.38
N ASP A 50 1.58 23.16 4.44
CA ASP A 50 0.78 22.78 5.64
C ASP A 50 -0.53 22.10 5.20
N MET A 51 -1.06 22.51 4.05
CA MET A 51 -2.31 21.94 3.44
C MET A 51 -2.34 20.42 3.63
N LEU A 52 -1.36 19.73 3.04
CA LEU A 52 -1.42 18.27 2.70
C LEU A 52 -1.44 17.41 3.98
N GLU A 53 -1.08 17.99 5.13
CA GLU A 53 -1.09 17.30 6.45
C GLU A 53 -2.46 16.64 6.66
N VAL A 54 -2.48 15.41 7.18
CA VAL A 54 -3.73 14.66 7.53
C VAL A 54 -3.52 13.90 8.86
N ARG A 55 -4.53 13.90 9.71
CA ARG A 55 -4.57 13.17 11.01
C ARG A 55 -5.67 12.12 10.96
N VAL A 56 -5.33 10.87 11.27
CA VAL A 56 -6.25 9.68 11.24
C VAL A 56 -5.47 8.49 11.78
N LEU A 57 -6.16 7.42 12.21
CA LEU A 57 -5.53 6.27 12.91
C LEU A 57 -4.69 6.82 14.07
N GLY A 58 -5.09 7.97 14.61
CA GLY A 58 -4.37 8.70 15.67
C GLY A 58 -2.92 8.90 15.32
N HIS A 59 -2.64 9.58 14.22
CA HIS A 59 -1.26 9.89 13.74
C HIS A 59 -1.26 11.15 12.87
N LYS A 60 -0.10 11.81 12.78
CA LYS A 60 0.13 12.98 11.88
C LYS A 60 0.84 12.48 10.62
N PHE A 61 0.15 12.57 9.47
CA PHE A 61 0.71 12.26 8.13
C PHE A 61 1.06 13.59 7.44
N ARG A 62 2.33 14.00 7.53
CA ARG A 62 2.86 15.24 6.91
C ARG A 62 2.19 15.44 5.55
N ASN A 63 2.14 14.38 4.72
CA ASN A 63 1.44 14.37 3.41
C ASN A 63 0.68 13.05 3.25
N PRO A 64 -0.38 13.03 2.41
CA PRO A 64 -1.29 11.89 2.33
C PRO A 64 -0.82 10.79 1.36
N VAL A 65 0.27 11.05 0.64
CA VAL A 65 0.87 10.12 -0.36
C VAL A 65 1.85 9.21 0.37
N GLY A 66 1.65 7.89 0.24
CA GLY A 66 2.51 6.85 0.84
C GLY A 66 2.87 5.78 -0.17
N ILE A 67 3.90 4.99 0.13
CA ILE A 67 4.32 3.81 -0.68
C ILE A 67 3.46 2.61 -0.27
N ALA A 68 3.03 1.81 -1.24
CA ALA A 68 2.18 0.61 -1.02
C ALA A 68 3.07 -0.58 -0.66
N ALA A 69 2.54 -1.54 0.09
CA ALA A 69 3.21 -2.82 0.42
C ALA A 69 3.60 -3.52 -0.87
N GLY A 70 4.79 -4.14 -0.91
CA GLY A 70 5.26 -4.96 -2.04
C GLY A 70 6.53 -4.43 -2.66
N PHE A 71 6.87 -3.16 -2.45
CA PHE A 71 8.15 -2.57 -2.91
C PHE A 71 9.26 -3.01 -1.94
N ASP A 72 9.19 -2.55 -0.69
CA ASP A 72 10.12 -2.94 0.40
C ASP A 72 9.44 -4.03 1.24
N LYS A 73 9.41 -5.27 0.72
CA LYS A 73 8.69 -6.42 1.33
C LYS A 73 9.32 -6.77 2.69
N HIS A 74 10.63 -6.55 2.84
CA HIS A 74 11.45 -7.06 3.97
C HIS A 74 11.97 -5.89 4.82
N GLY A 75 11.61 -4.64 4.48
CA GLY A 75 11.86 -3.43 5.29
C GLY A 75 13.31 -2.97 5.25
N GLU A 76 13.97 -3.10 4.09
CA GLU A 76 15.42 -2.81 3.90
C GLU A 76 15.63 -1.31 3.64
N ALA A 77 14.67 -0.66 2.96
CA ALA A 77 14.85 0.66 2.34
C ALA A 77 13.81 1.66 2.89
N VAL A 78 13.72 1.77 4.22
CA VAL A 78 12.69 2.58 4.92
C VAL A 78 13.02 4.07 4.75
N ASP A 79 14.24 4.47 5.12
CA ASP A 79 14.70 5.89 5.12
C ASP A 79 14.68 6.43 3.69
N GLY A 80 15.34 5.74 2.76
CA GLY A 80 15.34 6.08 1.33
C GLY A 80 13.96 6.52 0.86
N LEU A 81 12.93 5.73 1.18
CA LEU A 81 11.52 5.99 0.76
C LEU A 81 11.06 7.34 1.31
N TYR A 82 11.34 7.63 2.59
CA TYR A 82 10.97 8.91 3.25
C TYR A 82 11.66 10.07 2.51
N LYS A 83 12.96 9.93 2.22
CA LYS A 83 13.73 10.97 1.49
C LYS A 83 13.11 11.15 0.09
N MET A 84 12.57 10.07 -0.49
CA MET A 84 11.89 10.09 -1.81
C MET A 84 10.69 11.05 -1.72
N GLY A 85 10.17 11.28 -0.51
CA GLY A 85 9.16 12.32 -0.23
C GLY A 85 7.82 11.73 0.20
N PHE A 86 7.76 10.42 0.42
CA PHE A 86 6.54 9.71 0.90
C PHE A 86 6.20 10.21 2.31
N GLY A 87 4.92 10.51 2.55
CA GLY A 87 4.41 11.02 3.83
C GLY A 87 4.33 9.92 4.87
N PHE A 88 4.16 8.66 4.43
CA PHE A 88 4.18 7.45 5.28
C PHE A 88 4.61 6.25 4.44
N VAL A 89 5.28 5.28 5.08
CA VAL A 89 5.84 4.06 4.44
C VAL A 89 5.08 2.84 4.95
N GLU A 90 4.76 1.90 4.04
CA GLU A 90 4.14 0.59 4.37
C GLU A 90 5.04 -0.53 3.81
N ILE A 91 5.71 -1.28 4.68
CA ILE A 91 6.57 -2.44 4.33
C ILE A 91 5.73 -3.72 4.40
N GLY A 92 6.24 -4.81 3.81
CA GLY A 92 5.57 -6.13 3.75
C GLY A 92 5.06 -6.44 2.34
N SER A 93 4.22 -7.46 2.21
CA SER A 93 3.73 -8.25 3.34
C SER A 93 4.87 -9.12 3.89
N VAL A 94 4.90 -9.33 5.21
CA VAL A 94 5.86 -10.23 5.90
C VAL A 94 5.13 -11.51 6.33
N THR A 95 5.83 -12.65 6.26
CA THR A 95 5.29 -13.99 6.65
C THR A 95 5.99 -14.44 7.93
N PRO A 96 5.33 -15.28 8.77
CA PRO A 96 5.93 -15.74 10.01
C PRO A 96 7.35 -16.26 9.76
N LYS A 97 7.46 -17.41 9.09
CA LYS A 97 8.75 -18.04 8.70
C LYS A 97 9.12 -17.52 7.32
N PRO A 98 10.42 -17.38 6.98
CA PRO A 98 10.83 -16.90 5.67
C PRO A 98 10.50 -17.93 4.58
N GLN A 99 10.26 -17.47 3.34
CA GLN A 99 9.88 -18.35 2.21
C GLN A 99 10.33 -17.75 0.87
N GLU A 100 10.70 -18.62 -0.06
CA GLU A 100 11.18 -18.30 -1.43
C GLU A 100 10.16 -17.42 -2.15
N GLY A 101 8.87 -17.79 -2.06
CA GLY A 101 7.81 -17.29 -2.95
C GLY A 101 7.83 -18.04 -4.27
N ASN A 102 6.85 -17.80 -5.14
CA ASN A 102 6.72 -18.48 -6.46
C ASN A 102 8.03 -18.35 -7.22
N PRO A 103 8.27 -19.20 -8.24
CA PRO A 103 9.47 -19.07 -9.08
C PRO A 103 9.34 -17.92 -10.11
N ARG A 104 10.49 -17.34 -10.48
CA ARG A 104 10.64 -16.37 -11.60
C ARG A 104 10.47 -17.13 -12.90
N PRO A 105 9.94 -16.49 -13.98
CA PRO A 105 9.44 -15.12 -13.94
C PRO A 105 8.25 -14.97 -12.97
N ARG A 106 8.07 -13.78 -12.39
CA ARG A 106 6.94 -13.50 -11.47
C ARG A 106 6.62 -12.00 -11.47
N VAL A 107 7.35 -11.20 -12.25
CA VAL A 107 7.02 -9.77 -12.51
C VAL A 107 7.11 -9.53 -14.01
N PHE A 108 6.04 -8.98 -14.58
CA PHE A 108 5.87 -8.73 -16.04
C PHE A 108 5.47 -7.27 -16.27
N ARG A 109 6.18 -6.57 -17.15
CA ARG A 109 5.87 -5.17 -17.54
C ARG A 109 4.83 -5.17 -18.67
N LEU A 110 3.75 -4.41 -18.50
CA LEU A 110 2.79 -4.07 -19.57
C LEU A 110 3.04 -2.62 -19.98
N PRO A 111 4.17 -2.33 -20.67
CA PRO A 111 4.54 -0.95 -20.99
C PRO A 111 3.36 -0.14 -21.54
N GLU A 112 2.57 -0.75 -22.43
CA GLU A 112 1.59 -0.07 -23.32
C GLU A 112 0.40 0.44 -22.49
N ASP A 113 -0.02 -0.30 -21.46
CA ASP A 113 -1.17 0.06 -20.59
C ASP A 113 -0.66 0.64 -19.27
N GLN A 114 0.60 1.08 -19.22
CA GLN A 114 1.21 1.70 -18.01
C GLN A 114 0.81 0.88 -16.77
N ALA A 115 0.91 -0.46 -16.87
CA ALA A 115 0.45 -1.41 -15.84
C ALA A 115 1.53 -2.48 -15.59
N VAL A 116 1.28 -3.38 -14.62
CA VAL A 116 2.19 -4.49 -14.23
C VAL A 116 1.35 -5.66 -13.70
N ILE A 117 1.56 -6.86 -14.22
CA ILE A 117 1.12 -8.15 -13.60
C ILE A 117 2.27 -8.66 -12.73
N ASN A 118 1.99 -8.99 -11.47
CA ASN A 118 2.98 -9.60 -10.54
C ASN A 118 2.35 -10.83 -9.88
N ARG A 119 3.15 -11.88 -9.67
CA ARG A 119 2.79 -13.08 -8.88
C ARG A 119 3.98 -13.50 -8.03
N TYR A 120 4.47 -12.58 -7.18
CA TYR A 120 5.61 -12.79 -6.25
C TYR A 120 5.31 -13.97 -5.31
N GLY A 121 4.09 -14.01 -4.77
CA GLY A 121 3.65 -15.03 -3.80
C GLY A 121 4.38 -14.88 -2.47
N PHE A 122 4.33 -13.69 -1.87
CA PHE A 122 4.84 -13.38 -0.51
C PHE A 122 6.24 -13.95 -0.30
N ASN A 123 7.19 -13.60 -1.17
CA ASN A 123 8.64 -13.69 -0.82
C ASN A 123 8.85 -12.80 0.40
N SER A 124 9.39 -13.35 1.50
CA SER A 124 9.63 -12.63 2.77
C SER A 124 10.81 -13.25 3.53
N HIS A 125 11.61 -12.40 4.17
CA HIS A 125 12.75 -12.79 5.04
C HIS A 125 12.24 -13.23 6.42
N GLY A 126 10.93 -13.07 6.68
CA GLY A 126 10.25 -13.56 7.88
C GLY A 126 10.36 -12.59 9.05
N LEU A 127 9.42 -12.66 9.99
CA LEU A 127 9.29 -11.76 11.16
C LEU A 127 10.62 -11.70 11.92
N SER A 128 11.15 -12.85 12.31
CA SER A 128 12.39 -13.01 13.11
C SER A 128 13.45 -12.00 12.66
N VAL A 129 13.62 -11.82 11.34
CA VAL A 129 14.61 -10.91 10.73
C VAL A 129 14.07 -9.48 10.77
N VAL A 130 13.02 -9.20 9.98
CA VAL A 130 12.40 -7.85 9.81
C VAL A 130 12.33 -7.15 11.17
N GLU A 131 12.10 -7.92 12.24
CA GLU A 131 12.14 -7.42 13.65
C GLU A 131 13.49 -6.77 13.91
N HIS A 132 14.56 -7.57 13.95
CA HIS A 132 15.98 -7.11 14.10
C HIS A 132 16.17 -5.80 13.31
N ARG A 133 15.66 -5.76 12.08
CA ARG A 133 15.90 -4.67 11.10
C ARG A 133 15.14 -3.41 11.51
N LEU A 134 13.94 -3.56 12.10
CA LEU A 134 13.11 -2.43 12.59
C LEU A 134 13.57 -2.03 13.99
N ARG A 135 13.90 -3.01 14.84
CA ARG A 135 14.48 -2.82 16.19
C ARG A 135 15.75 -1.96 16.08
N ALA A 136 16.56 -2.20 15.05
CA ALA A 136 17.87 -1.54 14.80
C ALA A 136 17.67 -0.04 14.61
N ARG A 137 16.56 0.38 13.98
CA ARG A 137 16.22 1.79 13.67
C ARG A 137 15.05 2.23 14.55
N GLN A 138 14.68 1.42 15.55
CA GLN A 138 13.55 1.65 16.48
C GLN A 138 13.39 3.15 16.73
N GLN A 139 14.49 3.82 17.10
CA GLN A 139 14.51 5.17 17.73
C GLN A 139 14.30 6.26 16.66
N LYS A 140 14.94 6.14 15.50
CA LYS A 140 14.82 7.16 14.42
C LYS A 140 13.37 7.17 13.92
N GLN A 141 12.71 6.01 13.88
CA GLN A 141 11.29 5.89 13.44
C GLN A 141 10.41 6.65 14.42
N ALA A 142 10.65 6.47 15.72
CA ALA A 142 9.98 7.23 16.81
C ALA A 142 9.92 8.71 16.43
N LYS A 143 11.09 9.33 16.26
CA LYS A 143 11.24 10.77 15.91
C LYS A 143 10.48 11.05 14.62
N LEU A 144 10.70 10.21 13.59
CA LEU A 144 10.07 10.33 12.25
C LEU A 144 8.56 10.38 12.40
N THR A 145 7.99 9.55 13.27
CA THR A 145 6.53 9.41 13.48
C THR A 145 5.98 10.72 14.06
N GLU A 146 6.52 11.16 15.20
CA GLU A 146 6.06 12.37 15.94
C GLU A 146 6.46 13.63 15.15
N ASP A 147 7.21 13.47 14.06
CA ASP A 147 7.58 14.56 13.11
C ASP A 147 6.61 14.55 11.93
N GLY A 148 5.78 13.50 11.82
CA GLY A 148 4.66 13.42 10.86
C GLY A 148 4.87 12.36 9.79
N LEU A 149 5.75 11.39 10.03
CA LEU A 149 6.09 10.29 9.07
C LEU A 149 5.86 8.93 9.74
N PRO A 150 4.63 8.37 9.70
CA PRO A 150 4.35 7.08 10.32
C PRO A 150 4.82 5.89 9.45
N LEU A 151 5.07 4.75 10.09
CA LEU A 151 5.48 3.46 9.44
C LEU A 151 4.37 2.42 9.61
N GLY A 152 3.89 1.86 8.50
CA GLY A 152 2.93 0.74 8.47
C GLY A 152 3.62 -0.58 8.18
N VAL A 153 3.12 -1.68 8.74
CA VAL A 153 3.68 -3.06 8.55
C VAL A 153 2.56 -3.98 8.03
N ASN A 154 2.73 -4.48 6.80
CA ASN A 154 1.78 -5.38 6.11
C ASN A 154 2.11 -6.83 6.49
N LEU A 155 1.11 -7.59 6.96
CA LEU A 155 1.27 -8.98 7.47
C LEU A 155 0.67 -9.96 6.45
N GLY A 156 1.35 -11.09 6.23
CA GLY A 156 0.91 -12.17 5.32
C GLY A 156 0.93 -13.52 6.01
N LYS A 157 0.85 -14.61 5.24
CA LYS A 157 0.85 -16.02 5.74
C LYS A 157 1.77 -16.86 4.86
N ASN A 158 2.49 -17.83 5.47
CA ASN A 158 3.38 -18.79 4.77
C ASN A 158 2.55 -19.64 3.81
N LYS A 159 3.17 -20.14 2.73
CA LYS A 159 2.47 -20.89 1.66
C LYS A 159 1.69 -22.06 2.27
N THR A 160 2.31 -22.79 3.20
CA THR A 160 1.84 -24.10 3.73
C THR A 160 1.38 -23.95 5.19
N SER A 161 0.95 -22.75 5.59
CA SER A 161 0.37 -22.46 6.93
C SER A 161 -1.13 -22.79 6.90
N VAL A 162 -1.59 -23.67 7.79
CA VAL A 162 -2.98 -24.22 7.79
C VAL A 162 -3.95 -23.15 8.32
N ASP A 163 -3.64 -22.53 9.47
CA ASP A 163 -4.48 -21.46 10.06
C ASP A 163 -3.74 -20.12 9.98
N ALA A 164 -4.09 -19.32 8.97
CA ALA A 164 -3.51 -17.98 8.70
C ALA A 164 -3.52 -17.16 10.00
N ALA A 165 -4.57 -17.30 10.81
CA ALA A 165 -4.81 -16.52 12.04
C ALA A 165 -3.60 -16.63 12.96
N GLU A 166 -3.18 -17.85 13.29
CA GLU A 166 -1.99 -18.11 14.16
C GLU A 166 -0.79 -17.40 13.52
N ASP A 167 -0.70 -17.40 12.19
CA ASP A 167 0.35 -16.69 11.41
C ASP A 167 0.31 -15.20 11.76
N TYR A 168 -0.84 -14.55 11.60
CA TYR A 168 -1.01 -13.08 11.77
C TYR A 168 -0.71 -12.69 13.22
N ALA A 169 -1.48 -13.23 14.17
CA ALA A 169 -1.24 -13.05 15.63
C ALA A 169 0.27 -12.97 15.88
N GLU A 170 1.01 -13.98 15.39
CA GLU A 170 2.50 -14.07 15.51
C GLU A 170 3.11 -12.80 14.89
N GLY A 171 2.48 -12.27 13.84
CA GLY A 171 2.86 -11.00 13.20
C GLY A 171 2.62 -9.82 14.13
N VAL A 172 1.41 -9.73 14.70
CA VAL A 172 1.00 -8.67 15.68
C VAL A 172 1.91 -8.77 16.91
N ARG A 173 2.24 -9.98 17.35
CA ARG A 173 3.20 -10.23 18.46
C ARG A 173 4.51 -9.51 18.16
N VAL A 174 5.17 -9.92 17.09
CA VAL A 174 6.60 -9.60 16.80
C VAL A 174 6.72 -8.14 16.35
N LEU A 175 5.91 -7.70 15.39
CA LEU A 175 6.10 -6.42 14.67
C LEU A 175 5.05 -5.37 15.08
N GLY A 176 4.00 -5.77 15.80
CA GLY A 176 2.95 -4.85 16.30
C GLY A 176 3.53 -3.70 17.11
N PRO A 177 4.49 -3.98 18.02
CA PRO A 177 5.13 -2.92 18.81
C PRO A 177 5.80 -1.84 17.95
N LEU A 178 6.58 -2.25 16.95
CA LEU A 178 7.43 -1.36 16.11
C LEU A 178 6.59 -0.74 14.99
N ALA A 179 5.29 -1.05 14.94
CA ALA A 179 4.37 -0.58 13.88
C ALA A 179 3.51 0.57 14.41
N ASP A 180 3.26 1.57 13.56
CA ASP A 180 2.30 2.67 13.82
C ASP A 180 0.94 2.29 13.22
N TYR A 181 0.92 1.33 12.30
CA TYR A 181 -0.32 0.61 11.87
C TYR A 181 0.05 -0.72 11.20
N LEU A 182 -0.82 -1.71 11.37
CA LEU A 182 -0.70 -3.06 10.76
C LEU A 182 -1.77 -3.22 9.69
N VAL A 183 -1.39 -3.79 8.55
CA VAL A 183 -2.32 -4.25 7.47
C VAL A 183 -2.45 -5.76 7.57
N VAL A 184 -3.68 -6.26 7.71
CA VAL A 184 -4.03 -7.69 7.53
C VAL A 184 -4.22 -7.92 6.02
N ASN A 185 -3.22 -8.50 5.36
CA ASN A 185 -3.28 -8.81 3.91
C ASN A 185 -4.19 -10.03 3.72
N VAL A 186 -5.31 -9.82 3.03
CA VAL A 186 -6.45 -10.76 2.90
C VAL A 186 -6.90 -10.73 1.44
N SER A 187 -6.01 -10.25 0.55
CA SER A 187 -6.36 -9.67 -0.77
C SER A 187 -5.38 -10.09 -1.86
N SER A 188 -4.17 -10.57 -1.50
CA SER A 188 -3.18 -11.11 -2.45
C SER A 188 -3.82 -12.16 -3.34
N PRO A 189 -3.69 -12.07 -4.68
CA PRO A 189 -4.24 -13.08 -5.58
C PRO A 189 -3.26 -14.25 -5.76
N ASN A 190 -2.10 -14.17 -5.13
CA ASN A 190 -0.89 -14.96 -5.50
C ASN A 190 -0.57 -15.98 -4.42
N THR A 191 -1.47 -16.21 -3.47
CA THR A 191 -1.31 -17.21 -2.38
C THR A 191 -2.61 -18.02 -2.23
N ALA A 192 -2.50 -19.29 -1.84
CA ALA A 192 -3.57 -20.32 -1.87
C ALA A 192 -4.76 -19.90 -1.00
N GLY A 193 -5.90 -19.61 -1.65
CA GLY A 193 -7.20 -19.37 -1.00
C GLY A 193 -7.15 -18.27 0.05
N LEU A 194 -6.21 -17.33 -0.09
CA LEU A 194 -6.06 -16.18 0.85
C LEU A 194 -7.28 -15.27 0.71
N ARG A 195 -7.74 -15.05 -0.53
CA ARG A 195 -8.89 -14.15 -0.85
C ARG A 195 -10.16 -14.65 -0.17
N SER A 196 -10.17 -15.90 0.31
CA SER A 196 -11.33 -16.55 0.98
C SER A 196 -11.40 -16.11 2.45
N LEU A 197 -10.47 -15.25 2.90
CA LEU A 197 -10.45 -14.66 4.27
C LEU A 197 -11.28 -13.37 4.27
N GLN A 198 -11.82 -12.98 3.11
CA GLN A 198 -12.73 -11.83 2.96
C GLN A 198 -14.16 -12.29 3.22
N GLY A 199 -14.36 -13.61 3.33
CA GLY A 199 -15.64 -14.24 3.71
C GLY A 199 -16.03 -13.82 5.13
N LYS A 200 -17.33 -13.59 5.37
CA LYS A 200 -17.86 -13.00 6.62
C LYS A 200 -17.35 -13.81 7.82
N ALA A 201 -17.68 -15.10 7.89
CA ALA A 201 -17.42 -15.99 9.04
C ALA A 201 -15.91 -16.11 9.28
N GLU A 202 -15.12 -16.20 8.21
CA GLU A 202 -13.66 -16.47 8.27
C GLU A 202 -12.91 -15.16 8.54
N LEU A 203 -13.45 -14.03 8.08
CA LEU A 203 -12.86 -12.68 8.31
C LEU A 203 -13.04 -12.29 9.77
N ARG A 204 -14.26 -12.44 10.30
CA ARG A 204 -14.61 -12.10 11.70
C ARG A 204 -13.71 -12.92 12.63
N ARG A 205 -13.58 -14.22 12.37
CA ARG A 205 -12.73 -15.14 13.19
C ARG A 205 -11.30 -14.61 13.18
N LEU A 206 -10.78 -14.29 12.00
CA LEU A 206 -9.37 -13.83 11.78
C LEU A 206 -9.11 -12.57 12.61
N LEU A 207 -9.86 -11.51 12.36
CA LEU A 207 -9.64 -10.15 12.92
C LEU A 207 -9.86 -10.16 14.44
N THR A 208 -10.71 -11.07 14.93
CA THR A 208 -10.96 -11.27 16.37
C THR A 208 -9.66 -11.78 17.04
N LYS A 209 -8.99 -12.75 16.42
CA LYS A 209 -7.74 -13.37 16.94
C LYS A 209 -6.60 -12.35 16.84
N VAL A 210 -6.50 -11.65 15.71
CA VAL A 210 -5.50 -10.57 15.47
C VAL A 210 -5.65 -9.54 16.61
N LEU A 211 -6.85 -8.97 16.77
CA LEU A 211 -7.15 -7.91 17.77
C LEU A 211 -6.95 -8.47 19.18
N GLN A 212 -7.25 -9.75 19.40
CA GLN A 212 -7.02 -10.44 20.71
C GLN A 212 -5.52 -10.38 21.04
N GLU A 213 -4.66 -10.69 20.07
CA GLU A 213 -3.18 -10.61 20.23
C GLU A 213 -2.76 -9.14 20.34
N ARG A 214 -3.47 -8.25 19.63
CA ARG A 214 -3.17 -6.79 19.59
C ARG A 214 -3.52 -6.15 20.94
N ASP A 215 -4.81 -6.22 21.32
CA ASP A 215 -5.33 -5.68 22.61
C ASP A 215 -4.66 -6.42 23.77
N GLY A 216 -3.67 -7.27 23.46
CA GLY A 216 -2.77 -7.89 24.45
C GLY A 216 -1.35 -7.35 24.33
N LEU A 217 -1.20 -6.02 24.24
CA LEU A 217 0.10 -5.32 24.11
C LEU A 217 0.05 -3.97 24.84
N ARG A 218 1.20 -3.50 25.34
CA ARG A 218 1.36 -2.18 26.04
C ARG A 218 0.80 -1.07 25.13
N ARG A 219 0.00 -0.14 25.69
CA ARG A 219 -0.78 0.89 24.94
C ARG A 219 0.11 1.62 23.93
N VAL A 220 1.30 2.06 24.36
CA VAL A 220 2.29 2.81 23.53
C VAL A 220 2.70 1.92 22.34
N HIS A 221 2.67 0.59 22.53
CA HIS A 221 3.03 -0.43 21.51
C HIS A 221 1.90 -0.57 20.48
N ARG A 222 0.67 -0.26 20.86
CA ARG A 222 -0.59 -0.63 20.15
C ARG A 222 -0.66 0.08 18.79
N PRO A 223 -0.53 -0.67 17.67
CA PRO A 223 -0.68 -0.09 16.34
C PRO A 223 -2.14 -0.11 15.85
N ALA A 224 -2.49 0.80 14.93
CA ALA A 224 -3.77 0.76 14.20
C ALA A 224 -3.82 -0.51 13.36
N VAL A 225 -4.94 -1.24 13.39
CA VAL A 225 -5.15 -2.48 12.58
C VAL A 225 -6.07 -2.11 11.40
N LEU A 226 -5.60 -2.35 10.17
CA LEU A 226 -6.39 -2.15 8.93
C LEU A 226 -6.45 -3.47 8.16
N VAL A 227 -7.38 -3.58 7.22
CA VAL A 227 -7.58 -4.79 6.36
C VAL A 227 -7.48 -4.37 4.89
N LYS A 228 -6.55 -4.98 4.15
CA LYS A 228 -6.43 -4.81 2.68
C LYS A 228 -7.42 -5.76 2.00
N ILE A 229 -8.28 -5.21 1.15
CA ILE A 229 -9.35 -5.97 0.42
C ILE A 229 -9.07 -5.87 -1.08
N ALA A 230 -9.40 -6.93 -1.83
CA ALA A 230 -9.20 -7.01 -3.30
C ALA A 230 -10.20 -6.11 -4.00
N PRO A 231 -9.90 -5.67 -5.24
CA PRO A 231 -10.84 -4.89 -6.04
C PRO A 231 -11.96 -5.76 -6.63
N ASP A 232 -11.82 -7.08 -6.55
CA ASP A 232 -12.75 -8.07 -7.14
C ASP A 232 -13.62 -8.68 -6.03
N LEU A 233 -14.75 -8.04 -5.73
CA LEU A 233 -15.70 -8.46 -4.67
C LEU A 233 -17.12 -8.50 -5.25
N THR A 234 -17.93 -9.46 -4.82
CA THR A 234 -19.39 -9.51 -5.07
C THR A 234 -20.04 -8.29 -4.41
N SER A 235 -21.22 -7.89 -4.89
CA SER A 235 -22.12 -6.93 -4.19
C SER A 235 -22.24 -7.34 -2.72
N GLN A 236 -22.25 -8.66 -2.47
CA GLN A 236 -22.36 -9.31 -1.13
C GLN A 236 -21.04 -9.13 -0.36
N ASP A 237 -19.93 -9.58 -0.93
CA ASP A 237 -18.57 -9.53 -0.32
C ASP A 237 -18.38 -8.18 0.40
N LYS A 238 -18.50 -7.08 -0.35
CA LYS A 238 -18.29 -5.69 0.13
C LYS A 238 -19.09 -5.48 1.43
N GLU A 239 -20.40 -5.72 1.37
CA GLU A 239 -21.37 -5.50 2.49
C GLU A 239 -20.86 -6.20 3.76
N ASP A 240 -20.48 -7.47 3.64
CA ASP A 240 -20.09 -8.34 4.79
C ASP A 240 -18.77 -7.81 5.38
N ILE A 241 -17.84 -7.38 4.54
CA ILE A 241 -16.52 -6.82 4.99
C ILE A 241 -16.81 -5.52 5.76
N ALA A 242 -17.63 -4.64 5.17
CA ALA A 242 -18.13 -3.41 5.83
C ALA A 242 -18.65 -3.77 7.22
N SER A 243 -19.73 -4.56 7.29
CA SER A 243 -20.30 -5.11 8.55
C SER A 243 -19.17 -5.52 9.50
N VAL A 244 -18.36 -6.51 9.11
CA VAL A 244 -17.39 -7.21 10.01
C VAL A 244 -16.32 -6.21 10.46
N VAL A 245 -16.03 -5.19 9.66
CA VAL A 245 -15.12 -4.06 10.02
C VAL A 245 -15.75 -3.28 11.18
N LYS A 246 -16.87 -2.59 10.91
CA LYS A 246 -17.63 -1.78 11.91
C LYS A 246 -17.97 -2.67 13.11
N GLU A 247 -18.58 -3.83 12.84
CA GLU A 247 -18.98 -4.86 13.84
C GLU A 247 -17.85 -5.08 14.86
N LEU A 248 -16.59 -5.10 14.40
CA LEU A 248 -15.40 -5.44 15.24
C LEU A 248 -14.67 -4.16 15.67
N GLY A 249 -15.00 -3.01 15.06
CA GLY A 249 -14.33 -1.72 15.32
C GLY A 249 -12.90 -1.72 14.82
N ILE A 250 -12.72 -2.08 13.54
CA ILE A 250 -11.40 -2.10 12.83
C ILE A 250 -11.03 -0.65 12.47
N ASP A 251 -9.78 -0.28 12.71
CA ASP A 251 -9.30 1.14 12.74
C ASP A 251 -9.36 1.75 11.33
N GLY A 252 -9.39 0.93 10.28
CA GLY A 252 -9.50 1.40 8.89
C GLY A 252 -9.33 0.29 7.85
N LEU A 253 -9.37 0.68 6.58
CA LEU A 253 -9.33 -0.23 5.39
C LEU A 253 -8.27 0.27 4.40
N ILE A 254 -7.72 -0.63 3.60
CA ILE A 254 -6.93 -0.30 2.38
C ILE A 254 -7.66 -0.88 1.16
N VAL A 255 -7.75 -0.10 0.08
CA VAL A 255 -8.66 -0.33 -1.09
C VAL A 255 -8.01 0.29 -2.33
N THR A 256 -7.50 -0.55 -3.24
CA THR A 256 -7.62 -1.99 -3.19
C THR A 256 -6.25 -2.64 -3.38
N ASN A 257 -6.18 -3.96 -3.26
CA ASN A 257 -5.05 -4.80 -3.73
C ASN A 257 -5.13 -4.89 -5.27
N THR A 258 -4.35 -5.78 -5.88
CA THR A 258 -4.32 -6.00 -7.34
C THR A 258 -5.58 -6.78 -7.79
N THR A 259 -5.95 -6.65 -9.07
CA THR A 259 -7.10 -7.37 -9.69
C THR A 259 -6.60 -8.57 -10.49
N VAL A 260 -7.41 -9.64 -10.52
CA VAL A 260 -7.18 -10.84 -11.37
C VAL A 260 -7.98 -10.69 -12.67
N SER A 261 -8.73 -9.58 -12.79
CA SER A 261 -9.45 -9.18 -14.03
C SER A 261 -8.42 -8.72 -15.06
N ARG A 262 -8.86 -8.50 -16.31
CA ARG A 262 -7.98 -8.08 -17.44
C ARG A 262 -8.75 -7.12 -18.35
N PRO A 263 -9.04 -5.89 -17.88
CA PRO A 263 -10.05 -5.03 -18.52
C PRO A 263 -9.95 -5.05 -20.06
N ALA A 264 -11.07 -5.32 -20.72
CA ALA A 264 -11.20 -5.43 -22.20
C ALA A 264 -10.41 -4.28 -22.84
N GLY A 265 -9.43 -4.60 -23.70
CA GLY A 265 -8.61 -3.62 -24.43
C GLY A 265 -7.32 -3.30 -23.71
N LEU A 266 -6.65 -4.31 -23.15
CA LEU A 266 -5.24 -4.22 -22.69
C LEU A 266 -4.32 -4.44 -23.90
N GLN A 267 -3.42 -3.49 -24.17
CA GLN A 267 -2.45 -3.57 -25.30
C GLN A 267 -1.24 -4.41 -24.88
N GLY A 268 -1.00 -4.51 -23.57
CA GLY A 268 0.12 -5.27 -23.00
C GLY A 268 0.26 -6.65 -23.64
N ALA A 269 1.40 -6.94 -24.25
CA ALA A 269 1.68 -8.20 -24.97
C ALA A 269 1.89 -9.34 -23.95
N LEU A 270 1.69 -9.07 -22.66
CA LEU A 270 1.93 -10.04 -21.56
C LEU A 270 0.69 -10.15 -20.67
N ARG A 271 -0.47 -9.67 -21.15
CA ARG A 271 -1.71 -9.49 -20.33
C ARG A 271 -2.26 -10.86 -19.90
N SER A 272 -1.90 -11.94 -20.59
CA SER A 272 -2.40 -13.32 -20.34
C SER A 272 -1.77 -13.88 -19.06
N GLU A 273 -0.60 -13.37 -18.67
CA GLU A 273 0.23 -13.92 -17.55
C GLU A 273 -0.59 -13.91 -16.26
N THR A 274 -0.47 -14.97 -15.45
CA THR A 274 -1.22 -15.15 -14.17
C THR A 274 -0.65 -14.22 -13.10
N GLY A 275 -1.54 -13.58 -12.32
CA GLY A 275 -1.17 -12.74 -11.17
C GLY A 275 -2.05 -11.49 -11.06
N GLY A 276 -1.69 -10.59 -10.14
CA GLY A 276 -2.43 -9.35 -9.87
C GLY A 276 -1.97 -8.21 -10.78
N LEU A 277 -2.91 -7.54 -11.44
CA LEU A 277 -2.64 -6.42 -12.38
C LEU A 277 -2.64 -5.10 -11.60
N SER A 278 -1.47 -4.49 -11.46
CA SER A 278 -1.25 -3.16 -10.84
C SER A 278 -1.28 -2.09 -11.92
N GLY A 279 -1.44 -0.82 -11.52
CA GLY A 279 -1.20 0.36 -12.39
C GLY A 279 -2.49 0.94 -12.97
N LYS A 280 -2.40 1.45 -14.20
CA LYS A 280 -3.40 2.36 -14.84
C LYS A 280 -4.75 1.67 -14.91
N PRO A 281 -4.86 0.45 -15.51
CA PRO A 281 -6.16 -0.18 -15.74
C PRO A 281 -6.92 -0.47 -14.43
N LEU A 282 -6.23 -0.44 -13.29
CA LEU A 282 -6.80 -0.70 -11.95
C LEU A 282 -7.39 0.58 -11.38
N ARG A 283 -6.93 1.74 -11.83
CA ARG A 283 -7.23 3.07 -11.23
C ARG A 283 -8.73 3.19 -10.96
N ASP A 284 -9.56 2.92 -11.96
CA ASP A 284 -11.03 3.11 -11.93
C ASP A 284 -11.64 2.18 -10.87
N LEU A 285 -11.44 0.87 -11.03
CA LEU A 285 -11.93 -0.19 -10.11
C LEU A 285 -11.65 0.24 -8.66
N SER A 286 -10.39 0.55 -8.35
CA SER A 286 -9.90 0.93 -7.01
C SER A 286 -10.77 2.05 -6.43
N THR A 287 -10.98 3.11 -7.21
CA THR A 287 -11.74 4.34 -6.82
C THR A 287 -13.22 4.00 -6.62
N GLN A 288 -13.81 3.22 -7.54
CA GLN A 288 -15.22 2.73 -7.47
C GLN A 288 -15.41 1.88 -6.21
N THR A 289 -14.35 1.16 -5.79
CA THR A 289 -14.37 0.26 -4.60
C THR A 289 -14.10 1.07 -3.33
N ILE A 290 -13.29 2.13 -3.43
CA ILE A 290 -13.03 3.11 -2.33
C ILE A 290 -14.33 3.86 -2.02
N ARG A 291 -15.04 4.29 -3.08
CA ARG A 291 -16.35 4.97 -3.00
C ARG A 291 -17.37 4.03 -2.35
N GLU A 292 -17.70 2.92 -3.01
CA GLU A 292 -18.73 1.94 -2.59
C GLU A 292 -18.51 1.58 -1.11
N MET A 293 -17.26 1.44 -0.68
CA MET A 293 -16.92 1.01 0.70
C MET A 293 -17.09 2.16 1.69
N TYR A 294 -17.01 3.42 1.21
CA TYR A 294 -17.24 4.62 2.06
C TYR A 294 -18.71 4.68 2.44
N ALA A 295 -19.60 4.66 1.44
CA ALA A 295 -21.08 4.61 1.59
C ALA A 295 -21.44 3.52 2.61
N LEU A 296 -20.80 2.35 2.51
CA LEU A 296 -21.09 1.15 3.35
C LEU A 296 -20.61 1.38 4.80
N THR A 297 -19.48 2.06 4.97
CA THR A 297 -18.89 2.39 6.31
C THR A 297 -19.55 3.66 6.85
N GLN A 298 -20.39 4.31 6.03
CA GLN A 298 -21.07 5.60 6.35
C GLN A 298 -19.99 6.66 6.63
N GLY A 299 -18.85 6.52 5.94
CA GLY A 299 -17.71 7.45 6.00
C GLY A 299 -16.97 7.39 7.32
N ARG A 300 -17.38 6.48 8.21
CA ARG A 300 -16.92 6.43 9.63
C ARG A 300 -15.72 5.49 9.77
N VAL A 301 -15.23 4.92 8.67
CA VAL A 301 -14.02 4.04 8.66
C VAL A 301 -12.97 4.65 7.75
N PRO A 302 -11.75 4.92 8.28
CA PRO A 302 -10.67 5.52 7.51
C PRO A 302 -10.16 4.60 6.38
N ILE A 303 -10.39 5.00 5.13
CA ILE A 303 -9.94 4.26 3.91
C ILE A 303 -8.62 4.87 3.41
N ILE A 304 -7.60 4.03 3.23
CA ILE A 304 -6.36 4.36 2.47
C ILE A 304 -6.56 3.87 1.02
N GLY A 305 -6.66 4.79 0.06
CA GLY A 305 -6.95 4.50 -1.35
C GLY A 305 -5.67 4.28 -2.15
N VAL A 306 -5.53 3.10 -2.76
CA VAL A 306 -4.31 2.68 -3.51
C VAL A 306 -4.77 1.97 -4.78
N GLY A 307 -3.99 2.08 -5.87
CA GLY A 307 -4.26 1.43 -7.16
C GLY A 307 -4.41 2.45 -8.28
N GLY A 308 -3.42 2.51 -9.19
CA GLY A 308 -3.48 3.28 -10.44
C GLY A 308 -2.90 4.67 -10.30
N VAL A 309 -2.73 5.16 -9.07
CA VAL A 309 -2.24 6.54 -8.77
C VAL A 309 -0.91 6.77 -9.48
N SER A 310 -0.79 7.88 -10.21
CA SER A 310 0.45 8.30 -10.91
C SER A 310 0.44 9.80 -11.19
N SER A 311 -0.61 10.50 -10.74
CA SER A 311 -0.81 11.96 -10.96
C SER A 311 -1.48 12.57 -9.72
N GLY A 312 -1.53 13.90 -9.63
CA GLY A 312 -2.27 14.64 -8.60
C GLY A 312 -3.76 14.39 -8.71
N GLN A 313 -4.30 14.47 -9.93
CA GLN A 313 -5.73 14.21 -10.23
C GLN A 313 -6.09 12.80 -9.76
N ASP A 314 -5.32 11.78 -10.19
CA ASP A 314 -5.51 10.37 -9.78
C ASP A 314 -5.77 10.30 -8.28
N ALA A 315 -4.88 10.88 -7.48
CA ALA A 315 -4.94 10.89 -6.00
C ALA A 315 -6.23 11.57 -5.54
N LEU A 316 -6.42 12.83 -5.94
CA LEU A 316 -7.61 13.64 -5.59
C LEU A 316 -8.85 12.75 -5.68
N GLU A 317 -9.09 12.14 -6.85
CA GLU A 317 -10.29 11.33 -7.16
C GLU A 317 -10.56 10.32 -6.05
N LYS A 318 -9.50 9.66 -5.57
CA LYS A 318 -9.58 8.67 -4.45
C LYS A 318 -10.00 9.41 -3.18
N ILE A 319 -9.25 10.47 -2.82
CA ILE A 319 -9.54 11.35 -1.65
C ILE A 319 -11.02 11.74 -1.69
N ARG A 320 -11.51 12.17 -2.84
CA ARG A 320 -12.89 12.73 -3.03
C ARG A 320 -13.93 11.61 -2.91
N ALA A 321 -13.53 10.36 -3.13
CA ALA A 321 -14.42 9.17 -3.13
C ALA A 321 -14.30 8.43 -1.79
N GLY A 322 -13.64 9.02 -0.79
CA GLY A 322 -13.61 8.52 0.60
C GLY A 322 -12.20 8.36 1.15
N ALA A 323 -11.17 8.44 0.29
CA ALA A 323 -9.76 8.20 0.65
C ALA A 323 -9.29 9.23 1.68
N SER A 324 -9.03 8.77 2.91
CA SER A 324 -8.43 9.56 4.02
C SER A 324 -6.90 9.62 3.82
N LEU A 325 -6.36 8.68 3.03
CA LEU A 325 -4.93 8.62 2.61
C LEU A 325 -4.84 7.95 1.25
N VAL A 326 -3.71 8.09 0.55
CA VAL A 326 -3.46 7.47 -0.78
C VAL A 326 -2.12 6.73 -0.75
N GLN A 327 -1.96 5.76 -1.65
CA GLN A 327 -0.70 4.98 -1.86
C GLN A 327 -0.52 4.73 -3.35
N LEU A 328 0.72 4.58 -3.79
CA LEU A 328 1.09 4.22 -5.19
C LEU A 328 2.38 3.38 -5.17
N TYR A 329 2.59 2.60 -6.23
CA TYR A 329 3.74 1.67 -6.39
C TYR A 329 4.09 1.55 -7.88
N THR A 330 3.23 0.86 -8.64
CA THR A 330 3.40 0.54 -10.09
C THR A 330 3.92 1.77 -10.85
N ALA A 331 3.38 2.95 -10.58
CA ALA A 331 3.78 4.23 -11.23
C ALA A 331 5.31 4.26 -11.32
N LEU A 332 5.99 4.25 -10.17
CA LEU A 332 7.47 4.28 -10.04
C LEU A 332 8.12 3.57 -11.23
N THR A 333 7.73 2.32 -11.48
CA THR A 333 8.29 1.44 -12.54
C THR A 333 8.50 2.27 -13.82
N PHE A 334 7.66 3.29 -14.04
CA PHE A 334 7.58 4.07 -15.30
C PHE A 334 8.00 5.53 -15.10
N TRP A 335 7.58 6.14 -13.99
CA TRP A 335 7.76 7.59 -13.70
C TRP A 335 9.00 7.83 -12.83
N GLY A 336 9.56 6.77 -12.25
CA GLY A 336 10.72 6.83 -11.33
C GLY A 336 10.38 7.52 -10.02
N PRO A 337 11.36 7.64 -9.09
CA PRO A 337 11.15 8.32 -7.80
C PRO A 337 10.52 9.71 -7.87
N PRO A 338 10.75 10.50 -8.94
CA PRO A 338 10.16 11.84 -9.06
C PRO A 338 8.63 11.91 -9.04
N VAL A 339 7.95 10.77 -9.23
CA VAL A 339 6.47 10.68 -9.30
C VAL A 339 5.87 11.07 -7.95
N VAL A 340 6.64 10.93 -6.87
CA VAL A 340 6.18 11.18 -5.48
C VAL A 340 6.00 12.69 -5.29
N GLY A 341 7.03 13.47 -5.62
CA GLY A 341 6.98 14.95 -5.66
C GLY A 341 5.88 15.42 -6.58
N LYS A 342 5.73 14.75 -7.73
CA LYS A 342 4.82 15.12 -8.85
C LYS A 342 3.35 15.06 -8.39
N VAL A 343 2.93 13.94 -7.78
CA VAL A 343 1.54 13.73 -7.30
C VAL A 343 1.22 14.81 -6.25
N LYS A 344 2.06 14.93 -5.23
CA LYS A 344 1.93 15.93 -4.12
C LYS A 344 1.77 17.33 -4.74
N ARG A 345 2.65 17.69 -5.67
CA ARG A 345 2.67 19.01 -6.36
C ARG A 345 1.32 19.21 -7.07
N GLU A 346 0.93 18.27 -7.94
CA GLU A 346 -0.29 18.34 -8.77
C GLU A 346 -1.54 18.19 -7.89
N LEU A 347 -1.37 17.76 -6.64
CA LEU A 347 -2.48 17.67 -5.64
C LEU A 347 -2.75 19.07 -5.09
N GLU A 348 -1.77 19.69 -4.43
CA GLU A 348 -1.82 21.10 -3.93
C GLU A 348 -2.57 21.95 -4.96
N ALA A 349 -2.24 21.77 -6.25
CA ALA A 349 -2.82 22.48 -7.40
C ALA A 349 -4.33 22.24 -7.43
N LEU A 350 -4.74 20.99 -7.72
CA LEU A 350 -6.16 20.60 -7.97
C LEU A 350 -6.97 20.73 -6.67
N LEU A 351 -6.31 20.94 -5.54
CA LEU A 351 -6.96 21.31 -4.25
C LEU A 351 -7.31 22.80 -4.28
N LYS A 352 -6.28 23.65 -4.34
CA LYS A 352 -6.42 25.14 -4.38
C LYS A 352 -7.35 25.54 -5.52
N GLU A 353 -7.19 24.93 -6.69
CA GLU A 353 -7.95 25.24 -7.94
C GLU A 353 -9.45 25.06 -7.68
N GLN A 354 -9.84 23.96 -7.03
CA GLN A 354 -11.24 23.63 -6.70
C GLN A 354 -11.64 24.31 -5.38
N GLY A 355 -10.71 25.04 -4.77
CA GLY A 355 -10.91 25.78 -3.51
C GLY A 355 -11.20 24.85 -2.36
N PHE A 356 -10.13 24.30 -1.74
CA PHE A 356 -10.21 23.36 -0.59
C PHE A 356 -9.24 23.83 0.51
N GLY A 357 -9.71 23.84 1.76
CA GLY A 357 -8.91 24.23 2.95
C GLY A 357 -7.56 23.53 2.96
N GLY A 358 -7.56 22.21 2.74
CA GLY A 358 -6.34 21.38 2.67
C GLY A 358 -6.60 20.09 1.91
N VAL A 359 -6.57 18.95 2.61
CA VAL A 359 -6.92 17.61 2.07
C VAL A 359 -8.16 17.10 2.81
N THR A 360 -8.13 17.15 4.15
CA THR A 360 -9.24 16.76 5.05
C THR A 360 -10.56 17.30 4.51
N ASP A 361 -10.53 18.50 3.94
CA ASP A 361 -11.72 19.27 3.47
C ASP A 361 -12.19 18.71 2.11
N ALA A 362 -11.59 17.62 1.64
CA ALA A 362 -11.93 16.95 0.36
C ALA A 362 -12.09 15.44 0.56
N ILE A 363 -11.88 14.95 1.79
CA ILE A 363 -12.03 13.50 2.15
C ILE A 363 -13.51 13.12 1.99
N GLY A 364 -13.88 12.53 0.85
CA GLY A 364 -15.23 11.99 0.60
C GLY A 364 -16.22 13.09 0.25
N ALA A 365 -15.75 14.16 -0.40
CA ALA A 365 -16.58 15.28 -0.90
C ALA A 365 -17.59 14.75 -1.93
N ASP A 366 -17.15 13.85 -2.82
CA ASP A 366 -17.99 13.20 -3.85
C ASP A 366 -19.32 12.73 -3.23
N HIS A 367 -19.33 12.52 -1.90
CA HIS A 367 -20.53 12.12 -1.12
C HIS A 367 -21.28 13.37 -0.68
N1 ORO B . 1.01 -9.55 -4.88
C2 ORO B . 0.03 -8.59 -4.90
O2 ORO B . -0.34 -8.03 -5.93
N3 ORO B . -0.54 -8.31 -3.69
C4 ORO B . -0.22 -8.87 -2.48
O4 ORO B . -0.83 -8.52 -1.46
C5 ORO B . 0.82 -9.86 -2.53
C6 ORO B . 1.42 -10.17 -3.73
C7 ORO B . 2.50 -11.18 -3.88
O71 ORO B . 3.17 -11.41 -2.89
O72 ORO B . 2.62 -11.71 -4.97
N1 FMN C . 0.23 -5.67 -1.59
C2 FMN C . 0.35 -6.23 -0.36
O2 FMN C . -0.53 -6.01 0.49
N3 FMN C . 1.40 -7.01 -0.02
C4 FMN C . 2.39 -7.29 -0.87
O4 FMN C . 3.34 -8.03 -0.53
C4A FMN C . 2.32 -6.72 -2.24
N5 FMN C . 3.28 -6.96 -3.16
C5A FMN C . 3.21 -6.42 -4.39
C6 FMN C . 4.20 -6.68 -5.31
C7 FMN C . 4.14 -6.14 -6.59
C7M FMN C . 5.24 -6.43 -7.58
C8 FMN C . 3.00 -5.28 -6.98
C8M FMN C . 2.92 -4.69 -8.35
C9 FMN C . 1.99 -5.01 -6.05
C9A FMN C . 2.05 -5.55 -4.77
N10 FMN C . 1.04 -5.29 -3.82
C10 FMN C . 1.15 -5.87 -2.55
C1' FMN C . -0.12 -4.45 -4.12
C2' FMN C . 0.15 -2.98 -3.86
O2' FMN C . 0.47 -2.76 -2.49
C3' FMN C . -1.07 -2.17 -4.26
O3' FMN C . -2.19 -2.53 -3.44
C4' FMN C . -1.39 -2.40 -5.74
O4' FMN C . -0.18 -2.59 -6.48
C5' FMN C . -2.13 -1.24 -6.38
O5' FMN C . -1.31 -0.07 -6.33
P FMN C . -0.50 0.47 -7.61
O1P FMN C . -0.38 1.95 -7.30
O2P FMN C . 0.79 -0.31 -7.54
O3P FMN C . -1.36 0.12 -8.80
P PO4 D . 15.86 -11.70 -1.31
O1 PO4 D . 14.56 -11.09 -1.81
O2 PO4 D . 16.63 -10.66 -0.50
O3 PO4 D . 16.71 -12.13 -2.50
O4 PO4 D . 15.56 -12.91 -0.43
C4 1SU E . 22.97 6.58 -10.58
C5 1SU E . 13.57 0.67 -11.26
C6 1SU E . 14.28 1.86 -11.01
C7 1SU E . 15.07 3.72 -7.61
C8 1SU E . 15.85 4.05 -6.51
C10 1SU E . 16.27 5.32 -8.98
C13 1SU E . 21.99 7.12 -11.42
C15 1SU E . 17.08 5.68 -7.90
C17 1SU E . 13.81 2.86 -10.13
C20 1SU E . 10.36 -0.50 -9.96
C21 1SU E . 9.22 -2.47 -10.54
C22 1SU E . 18.27 7.38 -9.07
C24 1SU E . 7.77 -3.81 -8.94
C26 1SU E . 19.40 8.38 -8.97
C1 1SU E . 12.00 3.54 -8.66
C2 1SU E . 22.78 6.62 -9.21
C3 1SU E . 21.62 7.21 -8.68
C9 1SU E . 20.84 7.71 -10.90
C11 1SU E . 12.50 2.67 -9.46
C12 1SU E . 20.65 7.75 -9.52
C14 1SU E . 12.34 0.38 -10.67
C16 1SU E . 15.28 4.34 -8.84
C18 1SU E . 16.85 5.00 -6.60
C19 1SU E . 11.78 1.40 -9.74
C23 1SU E . 6.85 -2.74 -9.49
C25 1SU E . 7.96 -3.29 -10.35
C27 1SU E . 22.17 7.08 -12.90
N28 1SU E . 11.50 4.26 -7.90
N29 1SU E . 11.46 -0.68 -10.74
N30 1SU E . 18.04 6.63 -7.98
N31 1SU E . 9.32 -1.35 -9.82
O32 1SU E . 10.08 -2.83 -11.31
O33 1SU E . 17.65 7.27 -10.12
O34 1SU E . 14.53 4.02 -9.94
F35 1SU E . 17.58 5.30 -5.53
F36 1SU E . 23.35 7.60 -13.22
F37 1SU E . 22.12 5.83 -13.32
F38 1SU E . 21.21 7.79 -13.48
S39 1SU E . 10.31 0.98 -9.09
#